data_2Q8T
#
_entry.id   2Q8T
#
_cell.length_a   94.345
_cell.length_b   78.073
_cell.length_c   59.639
_cell.angle_alpha   90.000
_cell.angle_beta   121.650
_cell.angle_gamma   90.000
#
_symmetry.space_group_name_H-M   'C 1 2 1'
#
loop_
_entity.id
_entity.type
_entity.pdbx_description
1 polymer CCL14
2 water water
#
_entity_poly.entity_id   1
_entity_poly.type   'polypeptide(L)'
_entity_poly.pdbx_seq_one_letter_code
;TKTESSSRGPYHPSECCFTYTTYKIPRQRIMDYYETNSQCSKPGIVFITKRGHSVCTNPSDKWVQDYIKDMKEN
;
_entity_poly.pdbx_strand_id   A,B,C,D
#
# COMPACT_ATOMS: atom_id res chain seq x y z
N PRO A 10 11.60 -0.45 -2.87
CA PRO A 10 10.19 -0.32 -2.41
C PRO A 10 10.11 0.12 -0.94
N TYR A 11 9.36 1.18 -0.67
CA TYR A 11 9.06 1.59 0.74
C TYR A 11 7.91 0.77 1.43
N HIS A 12 7.20 0.02 0.61
CA HIS A 12 6.34 -0.99 1.07
C HIS A 12 7.17 -2.26 1.22
N PRO A 13 6.70 -3.21 1.99
CA PRO A 13 7.53 -4.37 2.10
C PRO A 13 7.54 -5.20 0.80
N SER A 14 8.58 -6.05 0.68
CA SER A 14 8.72 -6.99 -0.43
C SER A 14 8.67 -8.46 0.05
N GLU A 15 8.20 -9.37 -0.80
CA GLU A 15 8.13 -10.82 -0.55
C GLU A 15 9.47 -11.51 -0.76
N CYS A 16 9.85 -12.38 0.19
CA CYS A 16 11.00 -13.27 0.04
C CYS A 16 10.54 -14.65 0.45
N CYS A 17 11.25 -15.64 -0.04
CA CYS A 17 10.97 -17.05 0.22
C CYS A 17 12.12 -17.56 1.08
N PHE A 18 11.79 -18.13 2.23
CA PHE A 18 12.79 -18.72 3.16
C PHE A 18 12.71 -20.23 3.14
N THR A 19 11.60 -20.74 2.62
CA THR A 19 11.41 -22.14 2.39
C THR A 19 10.75 -22.38 1.01
N TYR A 20 11.16 -23.41 0.28
CA TYR A 20 10.46 -23.82 -0.94
C TYR A 20 9.58 -25.07 -0.73
N THR A 21 8.53 -25.20 -1.55
CA THR A 21 7.87 -26.49 -1.69
C THR A 21 8.84 -27.50 -2.35
N THR A 22 8.78 -28.76 -1.97
CA THR A 22 9.54 -29.82 -2.65
C THR A 22 8.74 -30.52 -3.72
N TYR A 23 7.48 -30.15 -3.87
CA TYR A 23 6.66 -30.82 -4.83
C TYR A 23 5.90 -29.92 -5.82
N LYS A 24 5.70 -30.50 -7.00
CA LYS A 24 5.11 -29.85 -8.15
C LYS A 24 3.66 -29.49 -7.89
N ILE A 25 3.27 -28.26 -8.26
CA ILE A 25 1.86 -27.89 -8.20
C ILE A 25 1.24 -28.29 -9.53
N PRO A 26 0.05 -28.98 -9.54
CA PRO A 26 -0.53 -29.29 -10.85
C PRO A 26 -0.73 -28.03 -11.73
N ARG A 27 -0.15 -28.04 -12.95
CA ARG A 27 -0.19 -26.88 -13.83
C ARG A 27 -1.56 -26.22 -13.92
N GLN A 28 -2.63 -27.01 -14.00
CA GLN A 28 -4.01 -26.49 -14.07
C GLN A 28 -4.50 -25.72 -12.81
N ARG A 29 -3.80 -25.83 -11.70
CA ARG A 29 -4.14 -25.04 -10.50
C ARG A 29 -3.32 -23.74 -10.41
N ILE A 30 -2.47 -23.48 -11.37
CA ILE A 30 -1.66 -22.27 -11.31
C ILE A 30 -2.38 -21.21 -12.06
N MET A 31 -2.44 -20.02 -11.47
CA MET A 31 -2.97 -18.86 -12.17
C MET A 31 -1.94 -17.81 -12.61
N ASP A 32 -0.88 -17.60 -11.83
CA ASP A 32 0.04 -16.50 -12.10
C ASP A 32 1.37 -16.81 -11.39
N TYR A 33 2.35 -15.94 -11.51
CA TYR A 33 3.63 -16.09 -10.81
C TYR A 33 4.28 -14.71 -10.75
N TYR A 34 5.20 -14.56 -9.81
CA TYR A 34 6.21 -13.47 -9.87
C TYR A 34 7.50 -13.95 -9.19
N GLU A 35 8.59 -13.24 -9.47
CA GLU A 35 9.90 -13.48 -8.86
C GLU A 35 9.97 -12.59 -7.65
N THR A 36 10.52 -13.11 -6.57
CA THR A 36 10.79 -12.29 -5.42
C THR A 36 11.82 -11.18 -5.71
N ASN A 37 11.83 -10.21 -4.82
CA ASN A 37 12.75 -9.08 -4.91
C ASN A 37 14.20 -9.55 -5.02
N SER A 38 14.97 -8.96 -5.95
CA SER A 38 16.41 -9.21 -6.06
C SER A 38 17.18 -9.01 -4.74
N GLN A 39 16.68 -8.14 -3.84
CA GLN A 39 17.39 -7.89 -2.58
C GLN A 39 17.21 -9.04 -1.59
N CYS A 40 16.28 -9.96 -1.90
CA CYS A 40 16.08 -11.19 -1.07
C CYS A 40 17.35 -12.05 -1.03
N SER A 41 17.54 -12.81 0.04
CA SER A 41 18.80 -13.53 0.20
C SER A 41 18.91 -14.71 -0.78
N LYS A 42 17.78 -15.35 -1.02
CA LYS A 42 17.65 -16.38 -2.05
C LYS A 42 16.55 -16.01 -3.01
N PRO A 43 16.71 -16.40 -4.28
CA PRO A 43 15.72 -16.09 -5.31
C PRO A 43 14.57 -17.09 -5.31
N GLY A 44 13.36 -16.59 -5.55
CA GLY A 44 12.17 -17.40 -5.37
C GLY A 44 11.24 -17.07 -6.51
N ILE A 45 10.48 -18.06 -6.91
CA ILE A 45 9.42 -17.86 -7.83
C ILE A 45 8.18 -18.13 -6.98
N VAL A 46 7.29 -17.15 -6.94
CA VAL A 46 6.05 -17.31 -6.24
C VAL A 46 4.93 -17.61 -7.23
N PHE A 47 4.29 -18.79 -7.12
CA PHE A 47 3.13 -19.07 -7.92
C PHE A 47 1.86 -18.69 -7.18
N ILE A 48 0.90 -18.18 -7.93
CA ILE A 48 -0.38 -17.81 -7.37
C ILE A 48 -1.31 -18.87 -7.86
N THR A 49 -2.00 -19.54 -6.94
CA THR A 49 -2.84 -20.64 -7.38
C THR A 49 -4.26 -20.12 -7.70
N LYS A 50 -5.09 -20.97 -8.31
CA LYS A 50 -6.54 -20.71 -8.42
C LYS A 50 -7.30 -20.55 -7.09
N ARG A 51 -6.77 -21.10 -6.01
CA ARG A 51 -7.41 -20.88 -4.73
C ARG A 51 -6.99 -19.53 -4.16
N GLY A 52 -6.10 -18.85 -4.87
CA GLY A 52 -5.54 -17.55 -4.36
C GLY A 52 -4.35 -17.76 -3.42
N HIS A 53 -3.74 -18.94 -3.45
CA HIS A 53 -2.63 -19.21 -2.50
C HIS A 53 -1.37 -18.73 -3.18
N SER A 54 -0.36 -18.35 -2.40
CA SER A 54 0.97 -17.97 -2.88
C SER A 54 1.91 -19.04 -2.41
N VAL A 55 2.68 -19.59 -3.34
CA VAL A 55 3.49 -20.77 -3.07
C VAL A 55 4.93 -20.51 -3.53
N CYS A 56 5.86 -20.48 -2.59
CA CYS A 56 7.30 -20.30 -2.84
C CYS A 56 7.90 -21.56 -3.44
N THR A 57 8.63 -21.37 -4.54
CA THR A 57 9.23 -22.46 -5.26
C THR A 57 10.64 -22.09 -5.61
N ASN A 58 11.43 -23.14 -5.82
CA ASN A 58 12.84 -23.06 -6.13
C ASN A 58 13.03 -22.85 -7.64
N PRO A 59 13.56 -21.68 -8.04
CA PRO A 59 13.74 -21.37 -9.46
C PRO A 59 14.66 -22.37 -10.18
N SER A 60 15.49 -23.08 -9.40
CA SER A 60 16.33 -24.14 -9.98
C SER A 60 15.62 -25.48 -10.21
N ASP A 61 14.33 -25.61 -9.84
CA ASP A 61 13.57 -26.85 -10.12
C ASP A 61 13.05 -26.82 -11.53
N LYS A 62 13.20 -27.92 -12.24
CA LYS A 62 12.82 -28.04 -13.66
C LYS A 62 11.38 -27.70 -13.90
N TRP A 63 10.48 -28.31 -13.10
CA TRP A 63 9.04 -28.06 -13.30
C TRP A 63 8.76 -26.55 -13.12
N VAL A 64 9.50 -25.88 -12.22
CA VAL A 64 9.33 -24.42 -12.05
C VAL A 64 9.68 -23.63 -13.34
N GLN A 65 10.87 -23.91 -13.87
CA GLN A 65 11.36 -23.32 -15.13
C GLN A 65 10.41 -23.63 -16.32
N ASP A 66 9.89 -24.86 -16.39
CA ASP A 66 8.96 -25.31 -17.44
C ASP A 66 7.65 -24.55 -17.37
N TYR A 67 7.13 -24.32 -16.16
CA TYR A 67 5.89 -23.55 -15.96
C TYR A 67 6.13 -22.11 -16.30
N ILE A 68 7.25 -21.54 -15.82
CA ILE A 68 7.58 -20.13 -16.07
C ILE A 68 7.67 -19.83 -17.56
N LYS A 69 8.27 -20.75 -18.31
CA LYS A 69 8.38 -20.59 -19.77
C LYS A 69 6.98 -20.60 -20.45
N ASP A 70 6.14 -21.57 -20.07
CA ASP A 70 4.79 -21.74 -20.63
C ASP A 70 3.88 -20.54 -20.28
N MET A 71 4.25 -19.80 -19.24
CA MET A 71 3.55 -18.61 -18.80
C MET A 71 4.24 -17.32 -19.27
N PRO B 10 1.65 -23.51 3.72
CA PRO B 10 2.92 -23.47 4.48
C PRO B 10 4.12 -23.03 3.61
N TYR B 11 3.86 -22.74 2.33
CA TYR B 11 4.92 -22.15 1.48
C TYR B 11 4.72 -20.65 1.14
N HIS B 12 3.93 -19.95 1.97
CA HIS B 12 3.62 -18.55 1.75
C HIS B 12 4.86 -17.67 1.85
N PRO B 13 5.04 -16.70 0.94
CA PRO B 13 6.22 -15.89 1.19
C PRO B 13 6.11 -15.03 2.47
N SER B 14 7.25 -14.48 2.87
CA SER B 14 7.37 -13.59 4.03
C SER B 14 7.65 -12.15 3.57
N GLU B 15 7.09 -11.19 4.28
CA GLU B 15 7.34 -9.78 4.00
C GLU B 15 8.64 -9.30 4.66
N CYS B 16 9.51 -8.65 3.88
CA CYS B 16 10.74 -8.07 4.41
C CYS B 16 10.81 -6.57 4.02
N CYS B 17 11.53 -5.79 4.81
CA CYS B 17 11.75 -4.38 4.52
C CYS B 17 13.20 -4.19 4.05
N PHE B 18 13.35 -3.46 2.96
CA PHE B 18 14.67 -3.18 2.44
C PHE B 18 15.02 -1.73 2.53
N THR B 19 14.00 -0.91 2.77
CA THR B 19 14.23 0.47 3.10
C THR B 19 13.23 0.96 4.12
N TYR B 20 13.53 2.08 4.76
CA TYR B 20 12.77 2.60 5.85
C TYR B 20 12.39 3.99 5.56
N THR B 21 11.11 4.31 5.82
CA THR B 21 10.68 5.69 5.79
C THR B 21 11.49 6.55 6.75
N THR B 22 11.78 7.75 6.29
CA THR B 22 12.46 8.77 7.10
C THR B 22 11.42 9.77 7.70
N TYR B 23 10.17 9.67 7.28
CA TYR B 23 9.21 10.60 7.86
C TYR B 23 8.33 9.88 8.89
N LYS B 24 7.94 10.60 9.92
CA LYS B 24 7.00 10.14 10.91
C LYS B 24 5.62 10.17 10.25
N ILE B 25 4.97 9.00 10.19
CA ILE B 25 3.60 8.89 9.72
C ILE B 25 2.72 9.44 10.81
N PRO B 26 1.83 10.42 10.48
CA PRO B 26 0.98 10.94 11.55
C PRO B 26 0.19 9.83 12.21
N ARG B 27 0.20 9.81 13.53
CA ARG B 27 -0.46 8.75 14.29
C ARG B 27 -1.95 8.57 13.93
N GLN B 28 -2.67 9.66 13.67
CA GLN B 28 -4.12 9.53 13.36
C GLN B 28 -4.37 8.71 12.02
N ARG B 29 -3.35 8.63 11.15
CA ARG B 29 -3.45 7.85 9.91
C ARG B 29 -3.17 6.33 10.04
N ILE B 30 -2.69 5.86 11.20
CA ILE B 30 -2.27 4.49 11.42
C ILE B 30 -3.35 3.61 12.00
N MET B 31 -3.50 2.42 11.46
CA MET B 31 -4.46 1.43 11.92
C MET B 31 -3.74 0.25 12.58
N ASP B 32 -2.71 -0.27 11.96
CA ASP B 32 -2.21 -1.59 12.36
C ASP B 32 -0.69 -1.65 12.13
N TYR B 33 0.00 -2.62 12.70
CA TYR B 33 1.41 -2.81 12.39
C TYR B 33 1.70 -4.30 12.52
N TYR B 34 2.80 -4.75 11.93
CA TYR B 34 3.36 -6.05 12.29
C TYR B 34 4.86 -5.99 12.12
N GLU B 35 5.53 -6.93 12.75
CA GLU B 35 6.99 -7.07 12.69
C GLU B 35 7.35 -8.03 11.58
N THR B 36 8.36 -7.69 10.77
CA THR B 36 8.73 -8.55 9.63
C THR B 36 9.44 -9.79 10.21
N ASN B 37 9.54 -10.83 9.38
CA ASN B 37 10.13 -12.10 9.73
C ASN B 37 11.58 -11.96 10.19
N SER B 38 11.91 -12.65 11.28
CA SER B 38 13.31 -12.72 11.81
C SER B 38 14.35 -13.14 10.77
N GLN B 39 13.94 -13.88 9.75
CA GLN B 39 14.84 -14.34 8.71
C GLN B 39 15.19 -13.25 7.69
N CYS B 40 14.42 -12.16 7.65
CA CYS B 40 14.73 -11.05 6.74
C CYS B 40 16.11 -10.51 7.08
N SER B 41 16.78 -9.88 6.14
CA SER B 41 18.16 -9.42 6.40
C SER B 41 18.21 -8.10 7.17
N LYS B 42 17.04 -7.47 7.42
CA LYS B 42 17.00 -6.22 8.17
C LYS B 42 15.78 -6.30 9.09
N PRO B 43 15.88 -5.75 10.31
CA PRO B 43 14.68 -5.62 11.14
C PRO B 43 13.61 -4.71 10.49
N GLY B 44 12.34 -4.92 10.80
CA GLY B 44 11.34 -4.04 10.15
C GLY B 44 10.02 -4.04 10.89
N ILE B 45 9.41 -2.86 10.98
CA ILE B 45 8.01 -2.76 11.42
C ILE B 45 7.23 -2.15 10.22
N VAL B 46 6.22 -2.86 9.79
CA VAL B 46 5.37 -2.40 8.75
C VAL B 46 4.11 -1.86 9.42
N PHE B 47 3.86 -0.56 9.23
CA PHE B 47 2.60 0.05 9.60
C PHE B 47 1.65 -0.05 8.45
N ILE B 48 0.39 -0.29 8.75
CA ILE B 48 -0.68 -0.30 7.74
C ILE B 48 -1.54 0.94 8.05
N THR B 49 -1.68 1.84 7.08
CA THR B 49 -2.52 2.99 7.36
C THR B 49 -4.02 2.61 7.26
N LYS B 50 -4.88 3.57 7.62
CA LYS B 50 -6.35 3.45 7.57
C LYS B 50 -6.85 3.31 6.12
N ARG B 51 -6.04 3.78 5.17
CA ARG B 51 -6.33 3.67 3.78
C ARG B 51 -5.82 2.37 3.16
N GLY B 52 -5.05 1.60 3.91
CA GLY B 52 -4.63 0.29 3.53
C GLY B 52 -3.21 0.26 3.00
N HIS B 53 -2.42 1.33 3.19
CA HIS B 53 -1.01 1.33 2.67
C HIS B 53 -0.08 0.75 3.69
N SER B 54 0.89 -0.01 3.22
CA SER B 54 1.86 -0.71 4.06
C SER B 54 3.19 0.05 3.95
N VAL B 55 3.75 0.50 5.08
CA VAL B 55 4.95 1.31 5.08
C VAL B 55 5.98 0.68 5.99
N CYS B 56 7.17 0.40 5.43
CA CYS B 56 8.37 -0.09 6.18
C CYS B 56 9.02 1.00 7.02
N THR B 57 9.32 0.69 8.28
CA THR B 57 9.86 1.71 9.22
C THR B 57 10.93 1.00 10.02
N ASN B 58 11.84 1.77 10.59
CA ASN B 58 12.93 1.21 11.40
C ASN B 58 12.46 0.92 12.85
N PRO B 59 12.46 -0.34 13.32
CA PRO B 59 11.99 -0.61 14.70
C PRO B 59 12.80 0.17 15.77
N SER B 60 13.97 0.69 15.38
CA SER B 60 14.82 1.36 16.31
C SER B 60 14.48 2.89 16.41
N ASP B 61 13.50 3.40 15.63
CA ASP B 61 13.10 4.82 15.75
C ASP B 61 12.18 4.95 16.92
N LYS B 62 12.36 5.98 17.74
CA LYS B 62 11.55 6.11 18.92
C LYS B 62 10.05 6.22 18.61
N TRP B 63 9.70 7.05 17.64
CA TRP B 63 8.29 7.19 17.23
C TRP B 63 7.66 5.84 16.84
N VAL B 64 8.42 4.99 16.17
CA VAL B 64 7.96 3.64 15.89
C VAL B 64 7.60 2.92 17.19
N GLN B 65 8.54 2.91 18.14
CA GLN B 65 8.37 2.24 19.43
C GLN B 65 7.22 2.83 20.22
N ASP B 66 7.11 4.16 20.24
CA ASP B 66 5.99 4.84 20.89
C ASP B 66 4.66 4.49 20.25
N TYR B 67 4.58 4.41 18.92
CA TYR B 67 3.31 4.05 18.31
C TYR B 67 2.91 2.64 18.77
N ILE B 68 3.86 1.73 18.75
CA ILE B 68 3.63 0.32 19.09
C ILE B 68 3.15 0.15 20.54
N LYS B 69 3.82 0.83 21.48
CA LYS B 69 3.33 0.97 22.85
C LYS B 69 1.87 1.45 22.91
N ASP B 70 1.57 2.53 22.21
CA ASP B 70 0.22 3.13 22.26
C ASP B 70 -0.86 2.26 21.61
N MET B 71 -0.43 1.29 20.81
CA MET B 71 -1.36 0.43 20.05
C MET B 71 -1.67 -0.86 20.76
N LYS B 72 -1.15 -0.99 21.98
CA LYS B 72 -1.33 -2.17 22.81
C LYS B 72 -2.80 -2.38 23.25
N GLU B 73 -3.27 -3.61 23.08
CA GLU B 73 -4.68 -3.90 23.28
C GLU B 73 -4.96 -4.91 24.38
N ASN B 74 -4.15 -4.83 25.45
CA ASN B 74 -4.35 -5.58 26.71
C ASN B 74 -3.74 -4.85 27.92
N PRO C 10 -19.93 12.16 -4.13
CA PRO C 10 -19.41 13.49 -4.50
C PRO C 10 -18.36 14.06 -3.51
N TYR C 11 -18.36 13.60 -2.24
CA TYR C 11 -17.42 14.11 -1.24
C TYR C 11 -16.32 13.14 -0.76
N HIS C 12 -16.10 12.06 -1.52
CA HIS C 12 -15.05 11.14 -1.23
C HIS C 12 -13.71 11.88 -1.51
N PRO C 13 -12.66 11.67 -0.70
CA PRO C 13 -11.36 12.29 -1.04
C PRO C 13 -10.78 11.85 -2.39
N SER C 14 -9.92 12.66 -2.98
CA SER C 14 -9.27 12.41 -4.26
C SER C 14 -7.83 11.97 -3.95
N GLU C 15 -7.22 11.22 -4.84
CA GLU C 15 -5.83 10.78 -4.66
C GLU C 15 -4.82 11.60 -5.39
N CYS C 16 -3.76 11.97 -4.69
CA CYS C 16 -2.72 12.78 -5.28
C CYS C 16 -1.37 12.14 -5.01
N CYS C 17 -0.42 12.42 -5.90
CA CYS C 17 0.94 11.95 -5.75
C CYS C 17 1.81 13.16 -5.39
N PHE C 18 2.60 13.04 -4.34
CA PHE C 18 3.44 14.17 -3.94
C PHE C 18 4.89 13.85 -4.19
N THR C 19 5.16 12.59 -4.44
CA THR C 19 6.50 12.15 -4.81
C THR C 19 6.33 11.03 -5.85
N TYR C 20 7.39 10.69 -6.58
CA TYR C 20 7.37 9.68 -7.64
C TYR C 20 8.47 8.70 -7.34
N THR C 21 8.21 7.40 -7.52
CA THR C 21 9.29 6.42 -7.49
C THR C 21 10.35 6.71 -8.55
N THR C 22 11.59 6.37 -8.21
CA THR C 22 12.76 6.50 -9.11
C THR C 22 13.16 5.18 -9.74
N TYR C 23 12.61 4.07 -9.22
CA TYR C 23 12.90 2.74 -9.73
C TYR C 23 11.74 2.22 -10.57
N LYS C 24 12.07 1.62 -11.69
CA LYS C 24 11.10 0.98 -12.53
C LYS C 24 10.51 -0.22 -11.76
N ILE C 25 9.19 -0.26 -11.62
CA ILE C 25 8.52 -1.45 -11.06
C ILE C 25 8.53 -2.63 -12.04
N PRO C 26 8.96 -3.85 -11.59
CA PRO C 26 8.95 -4.95 -12.55
C PRO C 26 7.53 -5.20 -13.12
N ARG C 27 7.42 -5.30 -14.45
CA ARG C 27 6.16 -5.49 -15.12
C ARG C 27 5.34 -6.67 -14.55
N GLN C 28 5.99 -7.82 -14.34
CA GLN C 28 5.32 -8.97 -13.79
C GLN C 28 4.62 -8.73 -12.43
N ARG C 29 5.08 -7.77 -11.64
CA ARG C 29 4.43 -7.46 -10.36
C ARG C 29 3.20 -6.53 -10.47
N ILE C 30 2.93 -5.97 -11.65
CA ILE C 30 1.89 -4.96 -11.76
C ILE C 30 0.53 -5.55 -12.11
N MET C 31 -0.50 -5.14 -11.40
CA MET C 31 -1.86 -5.50 -11.78
C MET C 31 -2.64 -4.40 -12.56
N ASP C 32 -2.72 -3.21 -11.99
CA ASP C 32 -3.62 -2.20 -12.52
C ASP C 32 -2.96 -0.84 -12.39
N TYR C 33 -3.57 0.19 -12.96
CA TYR C 33 -3.13 1.60 -12.76
C TYR C 33 -4.34 2.53 -12.78
N TYR C 34 -4.17 3.74 -12.23
CA TYR C 34 -5.09 4.84 -12.49
C TYR C 34 -4.34 6.18 -12.46
N GLU C 35 -4.95 7.23 -13.04
CA GLU C 35 -4.41 8.61 -13.03
C GLU C 35 -4.89 9.30 -11.79
N THR C 36 -4.04 10.12 -11.19
CA THR C 36 -4.48 10.91 -10.05
C THR C 36 -5.43 12.02 -10.48
N ASN C 37 -6.17 12.62 -9.53
CA ASN C 37 -7.13 13.68 -9.87
C ASN C 37 -6.47 14.83 -10.68
N SER C 38 -7.17 15.36 -11.69
CA SER C 38 -6.69 16.54 -12.49
C SER C 38 -6.41 17.80 -11.66
N GLN C 39 -7.05 17.90 -10.49
CA GLN C 39 -6.86 19.02 -9.60
C GLN C 39 -5.58 18.95 -8.77
N CYS C 40 -4.90 17.81 -8.80
CA CYS C 40 -3.74 17.64 -7.96
C CYS C 40 -2.59 18.58 -8.44
N SER C 41 -1.69 18.92 -7.52
CA SER C 41 -0.60 19.82 -7.87
C SER C 41 0.42 19.20 -8.81
N LYS C 42 0.33 17.89 -9.06
CA LYS C 42 1.27 17.17 -9.90
C LYS C 42 0.50 16.10 -10.69
N PRO C 43 0.88 15.82 -11.97
CA PRO C 43 0.29 14.62 -12.62
C PRO C 43 0.79 13.32 -11.96
N GLY C 44 0.00 12.26 -11.94
CA GLY C 44 0.46 11.04 -11.29
C GLY C 44 -0.18 9.85 -11.92
N ILE C 45 0.57 8.79 -12.11
CA ILE C 45 -0.01 7.51 -12.40
C ILE C 45 0.30 6.61 -11.20
N VAL C 46 -0.73 6.05 -10.61
CA VAL C 46 -0.59 5.11 -9.55
C VAL C 46 -0.71 3.69 -10.14
N PHE C 47 0.31 2.87 -9.95
CA PHE C 47 0.19 1.49 -10.18
C PHE C 47 -0.19 0.76 -8.90
N ILE C 48 -1.04 -0.25 -9.06
CA ILE C 48 -1.35 -1.21 -8.00
C ILE C 48 -0.67 -2.55 -8.38
N THR C 49 0.20 -3.02 -7.50
CA THR C 49 0.82 -4.34 -7.72
C THR C 49 -0.13 -5.50 -7.41
N LYS C 50 0.32 -6.68 -7.79
CA LYS C 50 -0.42 -7.89 -7.56
C LYS C 50 -0.64 -8.15 -6.07
N ARG C 51 0.33 -7.75 -5.26
CA ARG C 51 0.24 -7.85 -3.81
C ARG C 51 -0.65 -6.71 -3.21
N GLY C 52 -1.04 -5.72 -4.02
CA GLY C 52 -2.03 -4.75 -3.60
C GLY C 52 -1.34 -3.45 -3.12
N HIS C 53 -0.10 -3.22 -3.51
CA HIS C 53 0.52 -1.92 -3.08
C HIS C 53 0.25 -0.87 -4.13
N SER C 54 0.03 0.37 -3.69
CA SER C 54 -0.19 1.45 -4.58
C SER C 54 1.05 2.34 -4.60
N VAL C 55 1.60 2.58 -5.80
CA VAL C 55 2.86 3.29 -6.00
C VAL C 55 2.68 4.43 -7.03
N CYS C 56 3.03 5.64 -6.62
CA CYS C 56 3.00 6.84 -7.43
C CYS C 56 4.17 6.87 -8.41
N THR C 57 3.91 7.12 -9.67
CA THR C 57 4.96 7.21 -10.65
C THR C 57 4.79 8.47 -11.51
N ASN C 58 5.86 8.82 -12.24
CA ASN C 58 5.85 10.00 -13.08
C ASN C 58 5.23 9.68 -14.45
N PRO C 59 4.09 10.31 -14.81
CA PRO C 59 3.48 10.05 -16.10
C PRO C 59 4.41 10.28 -17.32
N SER C 60 5.46 11.09 -17.15
CA SER C 60 6.34 11.35 -18.30
C SER C 60 7.54 10.40 -18.45
N ASP C 61 7.74 9.47 -17.47
CA ASP C 61 8.67 8.33 -17.59
C ASP C 61 8.25 7.34 -18.67
N LYS C 62 9.20 6.92 -19.49
CA LYS C 62 8.92 6.03 -20.63
C LYS C 62 8.37 4.69 -20.21
N TRP C 63 9.03 4.07 -19.23
CA TRP C 63 8.51 2.83 -18.70
C TRP C 63 7.05 2.96 -18.26
N VAL C 64 6.65 4.10 -17.69
CA VAL C 64 5.25 4.31 -17.25
C VAL C 64 4.28 4.28 -18.47
N GLN C 65 4.61 5.09 -19.46
CA GLN C 65 3.92 5.10 -20.73
C GLN C 65 3.83 3.73 -21.39
N ASP C 66 4.96 3.00 -21.43
CA ASP C 66 4.96 1.64 -22.05
C ASP C 66 4.06 0.67 -21.30
N TYR C 67 4.16 0.64 -19.96
CA TYR C 67 3.26 -0.21 -19.16
C TYR C 67 1.80 0.12 -19.46
N ILE C 68 1.45 1.40 -19.55
CA ILE C 68 0.04 1.81 -19.77
C ILE C 68 -0.50 1.26 -21.11
N LYS C 69 0.34 1.36 -22.16
CA LYS C 69 0.11 0.77 -23.49
C LYS C 69 -0.06 -0.75 -23.47
N ASP C 70 0.86 -1.43 -22.80
CA ASP C 70 0.78 -2.88 -22.64
C ASP C 70 -0.51 -3.32 -21.90
N MET C 71 -1.15 -2.41 -21.18
CA MET C 71 -2.32 -2.75 -20.32
C MET C 71 -3.68 -2.43 -20.92
N LYS C 72 -3.70 -1.93 -22.15
CA LYS C 72 -4.96 -1.69 -22.87
C LYS C 72 -5.82 -2.95 -23.00
N GLU C 73 -7.11 -2.77 -22.71
CA GLU C 73 -8.07 -3.88 -22.69
C GLU C 73 -9.40 -3.50 -23.34
N ASN C 74 -9.33 -2.59 -24.32
CA ASN C 74 -10.49 -2.03 -25.04
C ASN C 74 -10.73 -2.72 -26.38
N PRO D 10 4.67 10.62 1.16
CA PRO D 10 4.42 9.17 0.92
C PRO D 10 4.76 8.73 -0.52
N TYR D 11 5.41 7.59 -0.71
CA TYR D 11 5.49 7.00 -2.08
C TYR D 11 4.17 6.37 -2.62
N HIS D 12 3.23 6.19 -1.73
CA HIS D 12 1.90 5.81 -2.07
C HIS D 12 1.09 7.14 -2.16
N PRO D 13 -0.04 7.09 -2.88
CA PRO D 13 -0.80 8.31 -3.04
C PRO D 13 -1.38 8.76 -1.72
N SER D 14 -1.60 10.07 -1.61
CA SER D 14 -2.28 10.68 -0.46
C SER D 14 -3.69 11.23 -0.84
N GLU D 15 -4.59 11.25 0.13
CA GLU D 15 -5.97 11.81 -0.04
C GLU D 15 -5.94 13.34 0.09
N CYS D 16 -6.65 14.03 -0.79
CA CYS D 16 -6.85 15.49 -0.66
C CYS D 16 -8.30 15.77 -0.86
N CYS D 17 -8.77 16.85 -0.23
CA CYS D 17 -10.17 17.30 -0.37
C CYS D 17 -10.17 18.52 -1.29
N PHE D 18 -10.92 18.43 -2.39
CA PHE D 18 -11.03 19.53 -3.33
C PHE D 18 -12.40 20.19 -3.21
N THR D 19 -13.34 19.48 -2.59
CA THR D 19 -14.65 20.02 -2.26
C THR D 19 -15.07 19.50 -0.90
N TYR D 20 -15.88 20.27 -0.18
CA TYR D 20 -16.34 19.84 1.14
C TYR D 20 -17.83 19.55 1.19
N THR D 21 -18.24 18.63 2.06
CA THR D 21 -19.68 18.40 2.24
C THR D 21 -20.39 19.68 2.76
N THR D 22 -21.60 19.90 2.26
CA THR D 22 -22.43 21.03 2.68
C THR D 22 -23.39 20.58 3.81
N TYR D 23 -23.46 19.29 4.02
CA TYR D 23 -24.38 18.74 4.99
C TYR D 23 -23.64 18.25 6.23
N LYS D 24 -24.31 18.24 7.36
CA LYS D 24 -23.68 17.88 8.61
C LYS D 24 -24.01 16.41 8.92
N ILE D 25 -22.95 15.58 9.04
CA ILE D 25 -23.15 14.15 9.28
C ILE D 25 -23.64 14.00 10.68
N PRO D 26 -24.76 13.27 10.87
CA PRO D 26 -25.23 12.93 12.24
C PRO D 26 -24.08 12.32 13.01
N ARG D 27 -23.80 12.85 14.19
CA ARG D 27 -22.72 12.41 15.09
C ARG D 27 -22.63 10.89 15.36
N GLN D 28 -23.78 10.27 15.58
CA GLN D 28 -23.84 8.80 15.81
C GLN D 28 -23.45 7.95 14.57
N ARG D 29 -23.32 8.61 13.42
CA ARG D 29 -22.93 7.93 12.18
C ARG D 29 -21.42 8.11 11.83
N ILE D 30 -20.66 8.75 12.70
CA ILE D 30 -19.20 8.91 12.51
C ILE D 30 -18.49 7.83 13.31
N MET D 31 -17.57 7.14 12.66
CA MET D 31 -16.70 6.19 13.32
C MET D 31 -15.28 6.70 13.56
N ASP D 32 -14.73 7.52 12.65
CA ASP D 32 -13.27 7.82 12.70
C ASP D 32 -13.05 9.04 11.86
N TYR D 33 -11.84 9.60 11.89
CA TYR D 33 -11.48 10.71 11.04
C TYR D 33 -9.98 10.74 10.84
N TYR D 34 -9.53 11.53 9.88
CA TYR D 34 -8.10 11.89 9.83
C TYR D 34 -8.04 13.21 9.04
N GLU D 35 -6.97 13.95 9.23
CA GLU D 35 -6.78 15.09 8.44
C GLU D 35 -5.93 14.72 7.22
N THR D 36 -6.21 15.37 6.11
CA THR D 36 -5.51 15.11 4.87
C THR D 36 -4.09 15.61 4.97
N ASN D 37 -3.29 15.10 4.06
CA ASN D 37 -1.90 15.51 3.96
C ASN D 37 -1.70 17.02 3.94
N SER D 38 -0.81 17.54 4.80
CA SER D 38 -0.48 18.98 4.81
C SER D 38 0.09 19.48 3.47
N GLN D 39 0.49 18.55 2.60
CA GLN D 39 0.94 18.91 1.24
C GLN D 39 -0.23 19.20 0.30
N CYS D 40 -1.44 18.78 0.66
CA CYS D 40 -2.63 19.13 -0.13
C CYS D 40 -2.81 20.65 -0.20
N SER D 41 -3.44 21.11 -1.27
CA SER D 41 -3.60 22.57 -1.49
C SER D 41 -4.62 23.17 -0.53
N LYS D 42 -5.58 22.35 -0.10
CA LYS D 42 -6.65 22.80 0.80
C LYS D 42 -6.59 21.95 2.04
N PRO D 43 -6.90 22.55 3.21
CA PRO D 43 -7.02 21.71 4.38
C PRO D 43 -8.28 20.79 4.27
N GLY D 44 -8.26 19.68 4.99
CA GLY D 44 -9.34 18.72 4.88
C GLY D 44 -9.38 17.88 6.11
N ILE D 45 -10.57 17.61 6.59
CA ILE D 45 -10.79 16.57 7.54
C ILE D 45 -11.68 15.48 6.87
N VAL D 46 -11.19 14.25 6.82
CA VAL D 46 -12.02 13.16 6.34
C VAL D 46 -12.73 12.43 7.50
N PHE D 47 -14.06 12.32 7.46
CA PHE D 47 -14.78 11.49 8.41
C PHE D 47 -15.08 10.13 7.79
N ILE D 48 -14.98 9.07 8.59
CA ILE D 48 -15.30 7.74 8.12
C ILE D 48 -16.55 7.19 8.79
N THR D 49 -17.61 6.97 8.01
CA THR D 49 -18.95 6.77 8.57
C THR D 49 -19.11 5.29 8.99
N LYS D 50 -20.19 4.98 9.69
CA LYS D 50 -20.51 3.58 10.04
C LYS D 50 -20.73 2.72 8.81
N ARG D 51 -21.10 3.33 7.66
CA ARG D 51 -21.27 2.59 6.40
C ARG D 51 -19.94 2.39 5.69
N GLY D 52 -18.86 2.92 6.29
CA GLY D 52 -17.51 2.79 5.73
C GLY D 52 -17.20 3.84 4.67
N HIS D 53 -18.02 4.88 4.56
CA HIS D 53 -17.74 5.97 3.57
C HIS D 53 -16.75 7.01 4.10
N SER D 54 -16.01 7.65 3.21
CA SER D 54 -15.10 8.73 3.49
C SER D 54 -15.74 10.01 2.96
N VAL D 55 -15.81 11.01 3.82
CA VAL D 55 -16.48 12.29 3.52
C VAL D 55 -15.54 13.41 3.90
N CYS D 56 -15.20 14.23 2.91
CA CYS D 56 -14.45 15.47 3.04
C CYS D 56 -15.25 16.59 3.69
N THR D 57 -14.65 17.22 4.69
CA THR D 57 -15.31 18.25 5.41
C THR D 57 -14.28 19.36 5.68
N ASN D 58 -14.85 20.55 5.87
CA ASN D 58 -14.11 21.76 6.03
C ASN D 58 -13.74 21.95 7.50
N PRO D 59 -12.44 21.93 7.81
CA PRO D 59 -11.99 22.08 9.21
C PRO D 59 -12.43 23.40 9.83
N SER D 60 -12.82 24.37 8.99
CA SER D 60 -13.31 25.65 9.53
C SER D 60 -14.71 25.53 10.07
N ASP D 61 -15.41 24.45 9.76
CA ASP D 61 -16.84 24.36 10.17
C ASP D 61 -16.92 24.00 11.62
N LYS D 62 -17.80 24.65 12.35
CA LYS D 62 -17.89 24.39 13.80
C LYS D 62 -18.17 22.94 14.11
N TRP D 63 -19.17 22.34 13.46
CA TRP D 63 -19.52 20.94 13.75
C TRP D 63 -18.34 20.00 13.60
N VAL D 64 -17.54 20.19 12.56
CA VAL D 64 -16.36 19.43 12.32
C VAL D 64 -15.45 19.54 13.55
N GLN D 65 -15.23 20.78 14.01
CA GLN D 65 -14.36 21.07 15.14
C GLN D 65 -14.90 20.43 16.41
N ASP D 66 -16.25 20.49 16.55
CA ASP D 66 -16.95 19.93 17.72
C ASP D 66 -16.81 18.44 17.71
N TYR D 67 -16.96 17.83 16.52
CA TYR D 67 -16.83 16.39 16.40
C TYR D 67 -15.43 15.86 16.65
N ILE D 68 -14.40 16.57 16.18
CA ILE D 68 -13.01 16.15 16.38
C ILE D 68 -12.67 16.21 17.87
N LYS D 69 -13.08 17.30 18.52
CA LYS D 69 -12.87 17.52 19.94
C LYS D 69 -13.47 16.40 20.82
N ASP D 70 -14.63 15.90 20.40
CA ASP D 70 -15.34 14.79 21.03
C ASP D 70 -14.58 13.47 20.81
N MET D 71 -14.09 13.27 19.58
CA MET D 71 -13.33 12.08 19.20
C MET D 71 -11.85 12.07 19.64
N LYS D 72 -11.32 13.24 20.01
CA LYS D 72 -9.98 13.32 20.62
C LYS D 72 -10.11 12.89 22.08
N GLU D 73 -11.35 12.95 22.58
CA GLU D 73 -11.80 12.41 23.89
C GLU D 73 -11.21 13.11 25.11
#